data_7RV2
#
_entry.id   7RV2
#
_cell.length_a   30.825
_cell.length_b   72.896
_cell.length_c   55.539
_cell.angle_alpha   90.000
_cell.angle_beta   106.583
_cell.angle_gamma   90.000
#
_symmetry.space_group_name_H-M   'C 1 2 1'
#
loop_
_entity.id
_entity.type
_entity.pdbx_description
1 polymer 'B-cell lymphoma 6 protein'
2 non-polymer N-(3-chloropyridin-4-yl)-2-{3-[3-(1-methyl-1H-pyrazol-4-yl)prop-2-yn-1-yl]-4-oxo-5-[(E)-2-sulfamoylethenyl]-3,4-dihydro-7H-pyrrolo[2,3-d]pyrimidin-7-yl}acetamide
3 non-polymer 'DIMETHYL SULFOXIDE'
4 non-polymer 'SULFATE ION'
5 non-polymer 'CHLORIDE ION'
6 water water
#
_entity_poly.entity_id   1
_entity_poly.type   'polypeptide(L)'
_entity_poly.pdbx_seq_one_letter_code
;GSADSQIQFTRHASDVLLNLNRLRSRDILTDVVIVVSREQFRAHKTVLMACSGLFYSIFTDQLKRNLSVINLDPEINPEG
FNILLDFMYTSRLNLREGNIMAVMATAMYLQMEHVVDTCRKFIKASE
;
_entity_poly.pdbx_strand_id   A
#
loop_
_chem_comp.id
_chem_comp.type
_chem_comp.name
_chem_comp.formula
828 non-polymer N-(3-chloropyridin-4-yl)-2-{3-[3-(1-methyl-1H-pyrazol-4-yl)prop-2-yn-1-yl]-4-oxo-5-[(E)-2-sulfamoylethenyl]-3,4-dihydro-7H-pyrrolo[2,3-d]pyrimidin-7-yl}acetamide 'C22 H19 Cl N8 O4 S'
CL non-polymer 'CHLORIDE ION' 'Cl -1'
DMS non-polymer 'DIMETHYL SULFOXIDE' 'C2 H6 O S'
SO4 non-polymer 'SULFATE ION' 'O4 S -2'
#
# COMPACT_ATOMS: atom_id res chain seq x y z
N SER A 5 6.58 -19.61 -25.01
CA SER A 5 6.35 -21.06 -24.82
C SER A 5 5.06 -21.31 -24.00
N GLN A 6 4.98 -20.87 -22.72
CA GLN A 6 3.85 -21.32 -21.84
C GLN A 6 2.55 -20.56 -22.19
N ILE A 7 1.40 -21.10 -21.78
CA ILE A 7 0.05 -20.50 -21.96
C ILE A 7 -0.11 -19.37 -20.94
N GLN A 8 -0.50 -18.19 -21.42
CA GLN A 8 -0.60 -17.01 -20.55
C GLN A 8 -2.06 -16.76 -20.16
N PHE A 9 -2.30 -16.70 -18.85
CA PHE A 9 -3.64 -16.46 -18.29
C PHE A 9 -3.79 -14.97 -17.97
N THR A 10 -4.48 -14.24 -18.82
CA THR A 10 -4.44 -12.76 -18.79
C THR A 10 -5.06 -12.18 -17.52
N ARG A 11 -6.06 -12.83 -16.94
CA ARG A 11 -6.82 -12.30 -15.78
C ARG A 11 -6.24 -12.83 -14.46
N HIS A 12 -5.25 -13.73 -14.52
CA HIS A 12 -4.83 -14.47 -13.32
C HIS A 12 -4.26 -13.50 -12.24
N ALA A 13 -3.40 -12.57 -12.63
CA ALA A 13 -2.75 -11.70 -11.60
C ALA A 13 -3.83 -10.85 -10.92
N SER A 14 -4.79 -10.32 -11.67
CA SER A 14 -5.87 -9.50 -11.08
CA SER A 14 -5.92 -9.52 -11.14
C SER A 14 -6.78 -10.38 -10.20
N ASP A 15 -7.02 -11.64 -10.57
CA ASP A 15 -7.80 -12.60 -9.76
C ASP A 15 -7.08 -12.80 -8.43
N VAL A 16 -5.76 -13.02 -8.47
CA VAL A 16 -4.97 -13.21 -7.24
C VAL A 16 -5.12 -11.98 -6.36
N LEU A 17 -4.94 -10.81 -6.94
CA LEU A 17 -4.98 -9.58 -6.09
C LEU A 17 -6.37 -9.38 -5.49
N LEU A 18 -7.43 -9.65 -6.26
CA LEU A 18 -8.81 -9.53 -5.73
C LEU A 18 -8.99 -10.50 -4.57
N ASN A 19 -8.49 -11.72 -4.72
CA ASN A 19 -8.68 -12.67 -3.60
C ASN A 19 -7.82 -12.30 -2.39
N LEU A 20 -6.62 -11.72 -2.60
CA LEU A 20 -5.84 -11.19 -1.45
C LEU A 20 -6.64 -10.08 -0.74
N ASN A 21 -7.27 -9.22 -1.51
CA ASN A 21 -8.06 -8.14 -0.93
C ASN A 21 -9.25 -8.71 -0.14
N ARG A 22 -9.88 -9.78 -0.66
CA ARG A 22 -10.99 -10.45 0.06
C ARG A 22 -10.46 -11.04 1.38
N LEU A 23 -9.27 -11.64 1.36
CA LEU A 23 -8.70 -12.13 2.61
C LEU A 23 -8.44 -10.96 3.58
N ARG A 24 -7.91 -9.84 3.09
CA ARG A 24 -7.67 -8.66 3.96
C ARG A 24 -9.01 -8.19 4.57
N SER A 25 -10.08 -8.19 3.78
CA SER A 25 -11.41 -7.73 4.28
C SER A 25 -11.95 -8.64 5.39
N ARG A 26 -11.50 -9.87 5.43
CA ARG A 26 -11.90 -10.84 6.47
C ARG A 26 -10.84 -11.05 7.53
N ASP A 27 -9.76 -10.28 7.43
CA ASP A 27 -8.63 -10.36 8.37
C ASP A 27 -8.03 -11.77 8.40
N ILE A 28 -8.04 -12.47 7.26
CA ILE A 28 -7.47 -13.82 7.20
C ILE A 28 -5.99 -13.73 6.81
N LEU A 29 -5.14 -14.20 7.71
CA LEU A 29 -3.68 -14.33 7.55
C LEU A 29 -3.01 -12.95 7.47
N THR A 30 -3.73 -11.89 7.78
CA THR A 30 -3.05 -10.60 7.98
C THR A 30 -2.08 -10.76 9.15
N ASP A 31 -0.92 -10.15 9.02
CA ASP A 31 0.20 -10.39 9.95
C ASP A 31 0.81 -9.08 10.44
N VAL A 32 0.21 -7.95 10.13
CA VAL A 32 0.74 -6.68 10.63
C VAL A 32 -0.40 -5.71 10.79
N VAL A 33 -0.23 -4.83 11.75
CA VAL A 33 -1.09 -3.62 11.83
CA VAL A 33 -1.07 -3.62 11.95
C VAL A 33 -0.18 -2.40 11.65
N ILE A 34 -0.64 -1.55 10.76
CA ILE A 34 0.04 -0.28 10.45
C ILE A 34 -0.71 0.80 11.21
N VAL A 35 0.00 1.49 12.09
CA VAL A 35 -0.60 2.56 12.93
C VAL A 35 -0.25 3.90 12.29
N VAL A 36 -1.27 4.69 12.02
CA VAL A 36 -1.10 6.01 11.37
C VAL A 36 -1.88 6.97 12.24
N SER A 37 -1.16 7.62 13.15
CA SER A 37 -1.77 8.51 14.16
C SER A 37 -2.88 7.78 14.92
N ARG A 38 -4.13 8.21 14.87
CA ARG A 38 -5.19 7.60 15.73
C ARG A 38 -5.83 6.42 15.02
N GLU A 39 -5.42 6.07 13.82
CA GLU A 39 -6.06 5.00 13.03
C GLU A 39 -5.11 3.84 12.88
N GLN A 40 -5.64 2.66 12.60
CA GLN A 40 -4.75 1.56 12.23
C GLN A 40 -5.41 0.66 11.18
N PHE A 41 -4.55 0.00 10.45
CA PHE A 41 -4.93 -0.74 9.24
C PHE A 41 -4.17 -2.05 9.23
N ARG A 42 -4.92 -3.14 9.09
N ARG A 42 -4.90 -3.13 9.09
CA ARG A 42 -4.36 -4.51 9.02
CA ARG A 42 -4.27 -4.48 9.00
C ARG A 42 -4.00 -4.85 7.56
C ARG A 42 -3.96 -4.81 7.55
N ALA A 43 -2.93 -5.61 7.36
CA ALA A 43 -2.48 -5.97 6.02
C ALA A 43 -1.65 -7.24 6.05
N HIS A 44 -1.32 -7.70 4.85
CA HIS A 44 -0.33 -8.78 4.65
C HIS A 44 1.04 -8.15 4.38
N LYS A 45 2.03 -8.53 5.16
CA LYS A 45 3.38 -8.01 4.94
C LYS A 45 3.83 -8.23 3.51
N THR A 46 3.50 -9.40 2.93
CA THR A 46 3.99 -9.71 1.57
C THR A 46 3.47 -8.69 0.56
N VAL A 47 2.19 -8.33 0.65
CA VAL A 47 1.61 -7.36 -0.30
C VAL A 47 2.28 -5.98 -0.05
N LEU A 48 2.46 -5.59 1.20
CA LEU A 48 3.10 -4.31 1.50
C LEU A 48 4.49 -4.30 0.89
N MET A 49 5.28 -5.34 1.06
CA MET A 49 6.64 -5.42 0.50
C MET A 49 6.59 -5.31 -1.00
N ALA A 50 5.62 -5.96 -1.64
CA ALA A 50 5.51 -5.98 -3.11
C ALA A 50 5.21 -4.58 -3.63
N CYS A 51 4.60 -3.72 -2.81
CA CYS A 51 4.05 -2.45 -3.31
C CYS A 51 4.79 -1.18 -2.83
N SER A 52 5.72 -1.32 -1.89
CA SER A 52 6.28 -0.14 -1.17
C SER A 52 7.76 -0.39 -0.92
N GLY A 53 8.64 0.59 -1.29
CA GLY A 53 10.04 0.46 -0.93
C GLY A 53 10.25 0.56 0.57
N LEU A 54 9.43 1.37 1.25
CA LEU A 54 9.56 1.47 2.72
C LEU A 54 9.25 0.12 3.36
N PHE A 55 8.10 -0.46 3.04
CA PHE A 55 7.76 -1.76 3.68
C PHE A 55 8.71 -2.87 3.23
N TYR A 56 9.19 -2.82 2.00
CA TYR A 56 10.21 -3.80 1.54
C TYR A 56 11.41 -3.72 2.49
N SER A 57 11.91 -2.49 2.70
CA SER A 57 13.12 -2.27 3.52
C SER A 57 12.88 -2.71 4.95
N ILE A 58 11.71 -2.39 5.49
CA ILE A 58 11.37 -2.77 6.89
C ILE A 58 11.39 -4.29 7.02
N PHE A 59 10.61 -4.97 6.22
CA PHE A 59 10.36 -6.40 6.49
C PHE A 59 11.49 -7.30 5.96
N THR A 60 12.31 -6.84 4.99
N THR A 60 12.30 -6.81 5.00
CA THR A 60 13.49 -7.65 4.58
CA THR A 60 13.48 -7.58 4.53
C THR A 60 14.49 -7.66 5.73
C THR A 60 14.53 -7.62 5.65
N ASP A 61 14.52 -6.68 6.44
CA ASP A 61 15.51 -6.56 7.59
C ASP A 61 15.17 -7.63 8.61
N GLN A 62 16.14 -8.46 8.99
CA GLN A 62 15.89 -9.52 9.96
C GLN A 62 15.61 -9.02 11.35
N LEU A 63 15.97 -7.77 11.66
CA LEU A 63 15.63 -7.23 12.99
C LEU A 63 14.17 -6.86 13.06
N LYS A 64 13.53 -6.63 11.93
CA LYS A 64 12.16 -6.04 11.89
C LYS A 64 11.15 -6.99 11.25
N ARG A 65 11.62 -8.05 10.61
CA ARG A 65 10.72 -8.89 9.80
C ARG A 65 9.55 -9.40 10.66
N ASN A 66 9.78 -9.75 11.91
CA ASN A 66 8.76 -10.37 12.79
C ASN A 66 7.89 -9.37 13.53
N LEU A 67 8.07 -8.07 13.31
CA LEU A 67 7.20 -7.07 13.97
C LEU A 67 5.75 -7.28 13.56
N SER A 68 4.84 -7.15 14.50
CA SER A 68 3.39 -7.28 14.19
C SER A 68 2.71 -5.91 14.18
N VAL A 69 3.42 -4.86 14.59
CA VAL A 69 2.93 -3.47 14.62
C VAL A 69 4.02 -2.56 14.05
N ILE A 70 3.65 -1.71 13.11
CA ILE A 70 4.55 -0.70 12.53
C ILE A 70 3.87 0.62 12.75
N ASN A 71 4.55 1.51 13.45
CA ASN A 71 4.08 2.90 13.68
C ASN A 71 4.66 3.80 12.60
N LEU A 72 3.82 4.36 11.75
CA LEU A 72 4.31 5.30 10.72
C LEU A 72 4.59 6.66 11.35
N ASP A 73 5.35 7.45 10.62
CA ASP A 73 5.61 8.85 10.98
C ASP A 73 4.27 9.50 11.38
N PRO A 74 4.17 10.15 12.58
CA PRO A 74 2.90 10.78 12.99
C PRO A 74 2.44 11.94 12.09
N GLU A 75 3.27 12.37 11.16
CA GLU A 75 2.87 13.42 10.18
C GLU A 75 2.10 12.86 9.00
N ILE A 76 2.12 11.55 8.83
CA ILE A 76 1.41 10.95 7.66
C ILE A 76 -0.10 11.06 7.88
N ASN A 77 -0.78 11.51 6.84
CA ASN A 77 -2.26 11.62 6.80
C ASN A 77 -2.89 10.23 6.68
N PRO A 78 -3.75 9.78 7.63
CA PRO A 78 -4.38 8.46 7.56
C PRO A 78 -5.20 8.25 6.28
N GLU A 79 -5.88 9.28 5.80
CA GLU A 79 -6.66 9.15 4.55
C GLU A 79 -5.73 8.92 3.37
N GLY A 80 -4.62 9.65 3.28
CA GLY A 80 -3.67 9.41 2.19
C GLY A 80 -3.12 8.00 2.28
N PHE A 81 -2.79 7.53 3.47
CA PHE A 81 -2.30 6.15 3.63
C PHE A 81 -3.41 5.16 3.19
N ASN A 82 -4.66 5.37 3.64
CA ASN A 82 -5.76 4.43 3.33
C ASN A 82 -5.93 4.36 1.80
N ILE A 83 -5.90 5.48 1.11
CA ILE A 83 -6.02 5.55 -0.37
C ILE A 83 -4.93 4.67 -0.98
N LEU A 84 -3.70 4.77 -0.49
CA LEU A 84 -2.60 4.01 -1.09
C LEU A 84 -2.72 2.51 -0.75
N LEU A 85 -3.12 2.20 0.47
CA LEU A 85 -3.31 0.78 0.83
C LEU A 85 -4.42 0.15 -0.04
N ASP A 86 -5.49 0.86 -0.26
CA ASP A 86 -6.56 0.35 -1.14
C ASP A 86 -5.99 0.18 -2.56
N PHE A 87 -5.20 1.15 -3.07
CA PHE A 87 -4.54 0.98 -4.39
C PHE A 87 -3.69 -0.28 -4.40
N MET A 88 -2.91 -0.53 -3.36
CA MET A 88 -2.03 -1.72 -3.35
C MET A 88 -2.85 -3.00 -3.64
N TYR A 89 -4.02 -3.06 -3.02
CA TYR A 89 -4.89 -4.28 -3.12
C TYR A 89 -5.87 -4.23 -4.28
N THR A 90 -5.94 -3.21 -5.11
CA THR A 90 -6.97 -3.09 -6.15
C THR A 90 -6.46 -2.61 -7.51
N SER A 91 -5.29 -1.96 -7.58
CA SER A 91 -4.77 -1.35 -8.83
C SER A 91 -5.50 -0.04 -9.16
N ARG A 92 -6.35 0.43 -8.29
CA ARG A 92 -7.13 1.63 -8.51
C ARG A 92 -6.73 2.74 -7.49
N LEU A 93 -6.43 3.92 -8.04
CA LEU A 93 -5.92 5.07 -7.27
C LEU A 93 -6.95 6.18 -7.36
N ASN A 94 -7.55 6.51 -6.25
CA ASN A 94 -8.54 7.58 -6.22
C ASN A 94 -7.87 8.98 -6.02
N LEU A 95 -7.33 9.57 -7.06
CA LEU A 95 -6.72 10.94 -6.99
C LEU A 95 -7.79 11.98 -7.26
N ARG A 96 -7.84 13.01 -6.40
CA ARG A 96 -8.76 14.11 -6.49
C ARG A 96 -7.99 15.36 -6.12
N GLU A 97 -8.50 16.53 -6.47
CA GLU A 97 -7.82 17.77 -6.08
C GLU A 97 -7.71 17.91 -4.56
N GLY A 98 -8.72 17.49 -3.82
CA GLY A 98 -8.70 17.54 -2.40
C GLY A 98 -7.77 16.59 -1.67
N ASN A 99 -7.25 15.59 -2.35
CA ASN A 99 -6.36 14.62 -1.66
C ASN A 99 -5.00 14.52 -2.35
N ILE A 100 -4.77 15.19 -3.47
CA ILE A 100 -3.58 14.87 -4.34
C ILE A 100 -2.32 15.14 -3.48
N MET A 101 -2.26 16.26 -2.75
CA MET A 101 -0.97 16.59 -2.13
C MET A 101 -0.67 15.58 -1.01
N ALA A 102 -1.68 15.23 -0.20
CA ALA A 102 -1.50 14.21 0.87
C ALA A 102 -1.13 12.85 0.27
N VAL A 103 -1.80 12.45 -0.81
CA VAL A 103 -1.48 11.16 -1.46
C VAL A 103 -0.05 11.18 -2.00
N MET A 104 0.33 12.26 -2.68
CA MET A 104 1.66 12.31 -3.29
C MET A 104 2.72 12.28 -2.17
N ALA A 105 2.56 13.06 -1.08
CA ALA A 105 3.58 13.07 -0.02
C ALA A 105 3.64 11.71 0.67
N THR A 106 2.50 11.05 0.81
CA THR A 106 2.47 9.71 1.44
C THR A 106 3.17 8.70 0.52
N ALA A 107 2.95 8.80 -0.79
CA ALA A 107 3.59 7.87 -1.74
C ALA A 107 5.09 8.05 -1.75
N MET A 108 5.57 9.30 -1.53
CA MET A 108 7.02 9.53 -1.42
C MET A 108 7.55 8.82 -0.18
N TYR A 109 6.88 8.99 0.94
CA TYR A 109 7.27 8.38 2.23
C TYR A 109 7.26 6.84 2.09
N LEU A 110 6.22 6.27 1.44
CA LEU A 110 6.13 4.80 1.24
C LEU A 110 7.05 4.32 0.13
N GLN A 111 7.69 5.22 -0.61
CA GLN A 111 8.65 4.88 -1.69
C GLN A 111 7.93 4.08 -2.78
N MET A 112 7.01 4.77 -3.46
CA MET A 112 6.18 4.23 -4.53
C MET A 112 6.34 5.16 -5.74
N GLU A 113 7.46 5.00 -6.48
CA GLU A 113 7.86 6.00 -7.50
C GLU A 113 6.84 6.15 -8.62
N HIS A 114 6.26 5.07 -9.10
CA HIS A 114 5.30 5.17 -10.23
C HIS A 114 4.03 5.89 -9.77
N VAL A 115 3.63 5.71 -8.52
CA VAL A 115 2.47 6.48 -7.97
C VAL A 115 2.87 7.95 -7.87
N VAL A 116 4.04 8.26 -7.33
CA VAL A 116 4.50 9.67 -7.25
C VAL A 116 4.50 10.31 -8.64
N ASP A 117 4.99 9.58 -9.63
CA ASP A 117 5.04 10.11 -11.02
C ASP A 117 3.61 10.34 -11.54
N THR A 118 2.69 9.44 -11.23
CA THR A 118 1.27 9.62 -11.62
C THR A 118 0.66 10.83 -10.92
N CYS A 119 1.03 11.06 -9.68
CA CYS A 119 0.59 12.29 -8.95
C CYS A 119 1.13 13.53 -9.66
N ARG A 120 2.38 13.50 -10.12
CA ARG A 120 2.94 14.65 -10.89
C ARG A 120 2.13 14.86 -12.17
N LYS A 121 1.81 13.76 -12.86
CA LYS A 121 0.98 13.88 -14.08
C LYS A 121 -0.38 14.51 -13.77
N PHE A 122 -0.97 14.15 -12.63
CA PHE A 122 -2.29 14.68 -12.18
C PHE A 122 -2.17 16.19 -11.97
N ILE A 123 -1.12 16.62 -11.30
CA ILE A 123 -0.88 18.05 -11.06
C ILE A 123 -0.70 18.80 -12.38
N LYS A 124 0.05 18.21 -13.31
CA LYS A 124 0.30 18.81 -14.61
C LYS A 124 -0.96 18.92 -15.47
N ALA A 125 -1.90 18.00 -15.26
CA ALA A 125 -3.15 17.99 -16.00
C ALA A 125 -4.25 18.75 -15.33
N SER A 126 -3.96 19.35 -14.19
CA SER A 126 -4.92 20.12 -13.47
C SER A 126 -4.69 21.62 -13.74
C02 828 B . 9.44 1.75 -5.69
C04 828 B . 11.53 3.00 -5.45
C05 828 B . 11.10 4.27 -4.89
C06 828 B . 10.85 5.37 -4.49
C07 828 B . 10.60 6.72 -4.00
C08 828 B . 11.32 7.36 -2.97
C10 828 B . 11.16 9.57 -1.91
C12 828 B . 9.65 7.55 -4.48
C13 828 B . 11.27 0.87 -4.33
C15 828 B . 9.27 -0.41 -4.55
C16 828 B . 8.68 0.51 -5.35
C17 828 B . 7.43 0.04 -5.69
C18 828 B . 6.48 0.78 -6.56
C19 828 B . 5.15 0.52 -6.51
C24 828 B . 7.27 -1.19 -5.05
C26 828 B . 8.65 -2.60 -3.59
C27 828 B . 9.47 -3.65 -4.34
C29 828 B . 10.25 -6.06 -4.19
C30 828 B . 11.32 -5.96 -5.05
C31 828 B . 12.06 -7.08 -5.39
C33 828 B . 10.74 -8.42 -4.03
C34 828 B . 9.98 -7.33 -3.65
N03 828 B . 10.70 1.85 -5.16
N09 828 B . 10.76 8.52 -2.87
N11 828 B . 9.75 8.71 -3.76
N14 828 B . 10.56 -0.30 -4.00
N22 828 B . 3.00 1.70 -6.64
N25 828 B . 8.38 -1.44 -4.38
N28 828 B . 9.48 -4.92 -3.74
N32 828 B . 11.74 -8.29 -4.87
O01 828 B . 8.97 2.62 -6.43
O21 828 B . 4.71 2.91 -7.49
O23 828 B . 4.05 1.04 -8.82
O36 828 B . 10.02 -3.45 -5.36
S20 828 B . 4.16 1.57 -7.46
CL35 828 B . 8.66 -7.60 -2.57
S DMS C . -6.08 -19.97 -21.94
O DMS C . -7.40 -20.06 -22.59
C1 DMS C . -5.45 -18.40 -22.37
C2 DMS C . -6.39 -19.55 -20.24
H11 DMS C . -4.58 -18.27 -21.96
H12 DMS C . -6.06 -17.72 -22.05
H13 DMS C . -5.37 -18.34 -23.33
H21 DMS C . -5.55 -19.48 -19.76
H22 DMS C . -6.94 -20.23 -19.84
H23 DMS C . -6.86 -18.70 -20.21
S SO4 D . -9.43 -1.05 14.42
O1 SO4 D . -9.56 0.37 14.38
O2 SO4 D . -8.13 -1.52 14.85
O3 SO4 D . -10.43 -1.57 15.34
O4 SO4 D . -9.69 -1.61 13.07
S SO4 E . -6.75 -4.64 -13.39
O1 SO4 E . -5.68 -5.54 -13.03
O2 SO4 E . -6.22 -3.29 -13.59
O3 SO4 E . -7.72 -4.60 -12.32
O4 SO4 E . -7.40 -5.11 -14.58
S SO4 F . 0.27 1.43 -15.62
O1 SO4 F . 0.24 1.74 -14.20
O2 SO4 F . 1.27 2.30 -16.18
O3 SO4 F . -1.05 1.69 -16.20
O4 SO4 F . 0.61 0.06 -15.85
CL CL G . -5.52 -15.47 10.60
#